data_3UQ2
#
_entry.id   3UQ2
#
_cell.length_a   55.286
_cell.length_b   62.002
_cell.length_c   141.470
_cell.angle_alpha   90.00
_cell.angle_beta   90.00
_cell.angle_gamma   90.00
#
_symmetry.space_group_name_H-M   'P 21 21 21'
#
loop_
_entity.id
_entity.type
_entity.pdbx_description
1 polymer 'DNA polymerase lambda'
2 polymer "5'-D(*CP*GP*GP*CP*TP*GP*TP*AP*CP*TP*G)-3'"
3 polymer "5'-D(*CP*AP*GP*TP*AP)-R(P*CP*A)-3'"
4 polymer "5'-D(P*GP*CP*CP*G)-3'"
5 non-polymer PYROPHOSPHATE
6 non-polymer 'MAGNESIUM ION'
7 non-polymer 'SODIUM ION'
8 water water
#
loop_
_entity_poly.entity_id
_entity_poly.type
_entity_poly.pdbx_seq_one_letter_code
_entity_poly.pdbx_strand_id
1 'polypeptide(L)'
;AQPSSQKATNHNLHITEKLEVLAKAYSVQGDKWRALGYAKAINALKSFHKPVTSYQEACSIPGIGKRMAEKIIEILESGH
LRKLDHISESVPVLELFSNIWGAGTKTAQMWYQQGFRSLEDIRSQASLTTQQAIGLKHYSDFLERMPREEATEIEQTVQK
AAQAFNSGLLCVACGSYRRGKATCGDVDVLITHPDGRSHRGIFSRLLDSLRQEGFLTDDLVKGETKYLGVCRLPGPGRRH
RRLDIIVVPYSEFACALLYFTGSAHFNRSMRALAKTKGMSLSEHALSTAVVRNTHGAKVGPGRVLPTPTEKDVFRLLGLP
YREPAERDW
;
A
2 'polydeoxyribonucleotide' (DC)(DG)(DG)(DC)(DT)(DG)(DT)(DA)(DC)(DT)(DG) T
3 'polydeoxyribonucleotide/polyribonucleotide hybrid' (DC)(DA)(DG)(DT)(DA)C(DA) P
4 'polydeoxyribonucleotide' (DG)(DC)(DC)(DG) D
#
loop_
_chem_comp.id
_chem_comp.type
_chem_comp.name
_chem_comp.formula
C RNA linking CYTIDINE-5'-MONOPHOSPHATE 'C9 H14 N3 O8 P'
DA DNA linking 2'-DEOXYADENOSINE-5'-MONOPHOSPHATE 'C10 H14 N5 O6 P'
DC DNA linking 2'-DEOXYCYTIDINE-5'-MONOPHOSPHATE 'C9 H14 N3 O7 P'
DG DNA linking 2'-DEOXYGUANOSINE-5'-MONOPHOSPHATE 'C10 H14 N5 O7 P'
DT DNA linking THYMIDINE-5'-MONOPHOSPHATE 'C10 H15 N2 O8 P'
MG non-polymer 'MAGNESIUM ION' 'Mg 2'
NA non-polymer 'SODIUM ION' 'Na 1'
PPV non-polymer PYROPHOSPHATE 'H4 O7 P2'
#
# COMPACT_ATOMS: atom_id res chain seq x y z
N ASN A 12 6.34 -21.90 7.46
CA ASN A 12 4.97 -22.29 7.10
C ASN A 12 4.52 -21.67 5.78
N LEU A 13 4.22 -22.53 4.80
CA LEU A 13 3.69 -22.09 3.51
C LEU A 13 2.81 -23.18 2.95
N HIS A 14 2.89 -24.35 3.57
CA HIS A 14 2.04 -25.51 3.27
C HIS A 14 0.57 -25.12 3.28
N ILE A 15 0.10 -24.60 4.42
CA ILE A 15 -1.31 -24.27 4.59
C ILE A 15 -1.73 -22.84 4.14
N THR A 16 -0.76 -21.92 4.06
CA THR A 16 -1.07 -20.53 3.75
C THR A 16 -1.44 -20.37 2.30
N GLU A 17 -0.70 -21.05 1.43
CA GLU A 17 -0.94 -21.00 0.01
C GLU A 17 -2.40 -21.27 -0.30
N LYS A 18 -3.02 -22.13 0.50
CA LYS A 18 -4.41 -22.47 0.26
C LYS A 18 -5.32 -21.36 0.81
N LEU A 19 -4.89 -20.73 1.89
CA LEU A 19 -5.66 -19.64 2.49
C LEU A 19 -5.62 -18.38 1.63
N GLU A 20 -4.45 -18.11 1.05
CA GLU A 20 -4.26 -16.93 0.22
C GLU A 20 -5.32 -16.87 -0.86
N VAL A 21 -5.72 -18.03 -1.36
CA VAL A 21 -6.69 -18.08 -2.44
C VAL A 21 -8.09 -17.69 -1.96
N LEU A 22 -8.44 -18.07 -0.74
CA LEU A 22 -9.70 -17.61 -0.16
C LEU A 22 -9.64 -16.13 0.17
N ALA A 23 -8.52 -15.70 0.75
CA ALA A 23 -8.36 -14.29 1.08
C ALA A 23 -8.61 -13.39 -0.14
N LYS A 24 -8.08 -13.79 -1.29
CA LYS A 24 -8.27 -13.02 -2.51
C LYS A 24 -9.69 -13.15 -3.07
N ALA A 25 -10.24 -14.35 -3.01
CA ALA A 25 -11.61 -14.53 -3.47
C ALA A 25 -12.50 -13.56 -2.71
N TYR A 26 -12.36 -13.57 -1.38
CA TYR A 26 -13.15 -12.69 -0.53
C TYR A 26 -12.88 -11.23 -0.83
N SER A 27 -11.61 -10.86 -0.94
CA SER A 27 -11.28 -9.47 -1.14
C SER A 27 -11.92 -8.96 -2.42
N VAL A 28 -11.81 -9.74 -3.49
CA VAL A 28 -12.28 -9.28 -4.80
C VAL A 28 -13.80 -9.24 -4.91
N GLN A 29 -14.46 -10.00 -4.05
CA GLN A 29 -15.91 -9.96 -4.05
C GLN A 29 -16.40 -8.91 -3.07
N GLY A 30 -15.46 -8.17 -2.50
CA GLY A 30 -15.85 -7.06 -1.64
C GLY A 30 -16.17 -7.44 -0.19
N ASP A 31 -15.78 -8.65 0.22
CA ASP A 31 -16.02 -8.94 1.63
C ASP A 31 -14.69 -8.61 2.28
N LYS A 32 -14.58 -7.36 2.73
CA LYS A 32 -13.26 -6.83 3.08
C LYS A 32 -12.80 -7.26 4.45
N TRP A 33 -13.74 -7.41 5.38
CA TRP A 33 -13.39 -7.74 6.74
C TRP A 33 -13.08 -9.23 6.85
N ARG A 34 -13.88 -10.07 6.20
CA ARG A 34 -13.59 -11.50 6.21
C ARG A 34 -12.22 -11.74 5.57
N ALA A 35 -11.95 -11.00 4.50
CA ALA A 35 -10.67 -11.09 3.82
C ALA A 35 -9.54 -10.58 4.72
N LEU A 36 -9.84 -9.59 5.54
CA LEU A 36 -8.90 -9.08 6.53
C LEU A 36 -8.59 -10.16 7.55
N GLY A 37 -9.63 -10.89 7.97
CA GLY A 37 -9.44 -11.99 8.90
C GLY A 37 -8.43 -12.96 8.33
N TYR A 38 -8.66 -13.39 7.09
CA TYR A 38 -7.76 -14.33 6.45
C TYR A 38 -6.35 -13.75 6.34
N ALA A 39 -6.25 -12.50 5.90
CA ALA A 39 -4.96 -11.86 5.76
C ALA A 39 -4.15 -11.93 7.05
N LYS A 40 -4.76 -11.54 8.17
CA LYS A 40 -4.08 -11.51 9.47
C LYS A 40 -3.66 -12.92 9.92
N ALA A 41 -4.53 -13.90 9.70
CA ALA A 41 -4.24 -15.27 10.01
C ALA A 41 -3.04 -15.74 9.21
N ILE A 42 -3.09 -15.56 7.90
CA ILE A 42 -1.98 -15.86 7.01
C ILE A 42 -0.68 -15.28 7.54
N ASN A 43 -0.69 -13.98 7.88
CA ASN A 43 0.50 -13.35 8.46
C ASN A 43 1.02 -14.13 9.66
N ALA A 44 0.14 -14.39 10.64
CA ALA A 44 0.52 -15.11 11.84
C ALA A 44 1.21 -16.42 11.48
N LEU A 45 0.54 -17.24 10.68
CA LEU A 45 1.07 -18.54 10.27
C LEU A 45 2.47 -18.45 9.67
N LYS A 46 2.73 -17.39 8.92
CA LYS A 46 4.02 -17.22 8.26
C LYS A 46 5.15 -16.92 9.25
N SER A 47 4.84 -16.15 10.29
CA SER A 47 5.83 -15.75 11.30
C SER A 47 5.88 -16.74 12.47
N PHE A 48 5.11 -17.81 12.36
CA PHE A 48 5.20 -18.92 13.28
C PHE A 48 6.46 -19.72 12.94
N HIS A 49 7.25 -20.06 13.96
CA HIS A 49 8.48 -20.85 13.82
C HIS A 49 8.27 -22.25 13.19
N LYS A 50 7.60 -23.10 13.95
CA LYS A 50 7.33 -24.47 13.55
C LYS A 50 6.07 -24.52 12.70
N PRO A 51 5.94 -25.56 11.88
CA PRO A 51 4.64 -25.96 11.34
C PRO A 51 3.63 -26.19 12.47
N VAL A 52 2.35 -25.97 12.15
CA VAL A 52 1.27 -26.15 13.12
C VAL A 52 0.78 -27.60 13.11
N THR A 53 0.50 -28.13 14.29
CA THR A 53 0.25 -29.55 14.45
C THR A 53 -1.14 -29.88 15.02
N SER A 54 -1.58 -29.10 16.00
CA SER A 54 -2.84 -29.39 16.68
C SER A 54 -3.87 -28.27 16.54
N TYR A 55 -5.14 -28.65 16.48
CA TYR A 55 -6.24 -27.69 16.49
C TYR A 55 -6.16 -26.85 17.77
N GLN A 56 -5.58 -27.44 18.82
CA GLN A 56 -5.41 -26.75 20.10
C GLN A 56 -4.23 -25.79 20.04
N GLU A 57 -3.24 -26.14 19.23
CA GLU A 57 -2.11 -25.27 18.96
C GLU A 57 -2.59 -24.11 18.09
N ALA A 58 -3.54 -24.41 17.21
CA ALA A 58 -4.14 -23.41 16.32
C ALA A 58 -4.76 -22.27 17.12
N CYS A 59 -5.79 -22.59 17.90
CA CYS A 59 -6.47 -21.56 18.68
C CYS A 59 -5.43 -20.68 19.38
N SER A 60 -4.36 -21.31 19.87
CA SER A 60 -3.34 -20.62 20.64
C SER A 60 -2.84 -19.38 19.94
N ILE A 61 -2.67 -19.48 18.62
CA ILE A 61 -2.09 -18.40 17.83
C ILE A 61 -3.05 -17.22 17.69
N PRO A 62 -2.65 -16.05 18.18
CA PRO A 62 -3.48 -14.85 17.98
C PRO A 62 -3.68 -14.61 16.50
N GLY A 63 -4.92 -14.41 16.10
CA GLY A 63 -5.24 -14.25 14.69
C GLY A 63 -5.87 -15.49 14.11
N ILE A 64 -5.95 -16.55 14.93
CA ILE A 64 -6.55 -17.81 14.52
C ILE A 64 -7.59 -18.28 15.52
N GLY A 65 -8.83 -18.42 15.07
CA GLY A 65 -9.89 -18.90 15.91
C GLY A 65 -10.39 -20.29 15.55
N LYS A 66 -11.56 -20.64 16.07
CA LYS A 66 -12.22 -21.91 15.77
C LYS A 66 -12.39 -22.18 14.26
N ARG A 67 -12.94 -21.21 13.53
CA ARG A 67 -13.21 -21.36 12.10
C ARG A 67 -11.94 -21.59 11.26
N MET A 68 -10.89 -20.82 11.55
CA MET A 68 -9.61 -21.00 10.86
C MET A 68 -8.91 -22.28 11.32
N ALA A 69 -9.07 -22.60 12.60
CA ALA A 69 -8.55 -23.86 13.15
C ALA A 69 -9.07 -25.06 12.35
N GLU A 70 -10.39 -25.17 12.26
CA GLU A 70 -11.01 -26.25 11.50
C GLU A 70 -10.45 -26.35 10.07
N LYS A 71 -10.20 -25.21 9.44
CA LYS A 71 -9.67 -25.20 8.08
C LYS A 71 -8.21 -25.65 8.03
N ILE A 72 -7.44 -25.26 9.04
CA ILE A 72 -6.07 -25.75 9.17
C ILE A 72 -6.09 -27.27 9.27
N ILE A 73 -6.91 -27.76 10.20
CA ILE A 73 -7.08 -29.20 10.42
C ILE A 73 -7.34 -29.92 9.10
N GLU A 74 -8.29 -29.43 8.31
CA GLU A 74 -8.60 -30.06 7.03
C GLU A 74 -7.39 -30.07 6.09
N ILE A 75 -6.62 -28.99 6.10
CA ILE A 75 -5.44 -28.92 5.25
C ILE A 75 -4.38 -29.93 5.68
N LEU A 76 -4.30 -30.17 6.98
CA LEU A 76 -3.38 -31.17 7.51
C LEU A 76 -3.91 -32.59 7.31
N GLU A 77 -5.16 -32.84 7.70
CA GLU A 77 -5.78 -34.17 7.59
C GLU A 77 -6.02 -34.64 6.12
N SER A 78 -6.59 -33.80 5.27
CA SER A 78 -6.92 -34.16 3.88
C SER A 78 -5.94 -33.64 2.82
N GLY A 79 -5.03 -32.74 3.22
CA GLY A 79 -4.20 -32.04 2.26
C GLY A 79 -5.00 -31.29 1.21
N HIS A 80 -6.27 -31.02 1.53
CA HIS A 80 -7.17 -30.30 0.63
C HIS A 80 -8.03 -29.31 1.41
N LEU A 81 -8.71 -28.42 0.70
CA LEU A 81 -9.62 -27.49 1.34
C LEU A 81 -10.97 -27.47 0.62
N ARG A 82 -12.01 -27.97 1.30
CA ARG A 82 -13.31 -28.13 0.67
C ARG A 82 -13.87 -26.79 0.20
N LYS A 83 -13.59 -25.70 0.95
CA LYS A 83 -14.13 -24.38 0.60
C LYS A 83 -13.57 -23.86 -0.76
N LEU A 84 -12.35 -24.31 -1.11
CA LEU A 84 -11.62 -23.89 -2.33
C LEU A 84 -12.22 -24.40 -3.63
N ASP A 85 -12.97 -25.49 -3.52
CA ASP A 85 -13.61 -26.03 -4.72
C ASP A 85 -15.00 -25.42 -4.88
N HIS A 86 -15.43 -24.67 -3.86
CA HIS A 86 -16.71 -23.95 -3.90
C HIS A 86 -16.59 -22.47 -4.30
N ILE A 87 -15.35 -22.01 -4.58
CA ILE A 87 -15.12 -20.63 -4.99
C ILE A 87 -15.84 -20.33 -6.30
N SER A 88 -16.50 -19.19 -6.35
CA SER A 88 -17.26 -18.81 -7.54
C SER A 88 -16.40 -18.78 -8.79
N GLU A 89 -16.98 -19.14 -9.92
CA GLU A 89 -16.26 -19.13 -11.18
C GLU A 89 -15.99 -17.71 -11.65
N SER A 90 -16.57 -16.73 -10.97
CA SER A 90 -16.40 -15.35 -11.39
C SER A 90 -15.09 -14.77 -10.87
N VAL A 91 -14.49 -15.45 -9.90
CA VAL A 91 -13.39 -14.83 -9.16
C VAL A 91 -12.19 -14.46 -10.03
N PRO A 92 -11.71 -15.39 -10.89
CA PRO A 92 -10.55 -15.03 -11.72
C PRO A 92 -10.82 -13.82 -12.57
N VAL A 93 -12.07 -13.64 -13.00
CA VAL A 93 -12.42 -12.52 -13.86
C VAL A 93 -12.45 -11.23 -13.04
N LEU A 94 -13.06 -11.29 -11.86
CA LEU A 94 -13.06 -10.15 -10.96
C LEU A 94 -11.61 -9.74 -10.62
N GLU A 95 -10.71 -10.70 -10.41
CA GLU A 95 -9.31 -10.37 -10.15
C GLU A 95 -8.62 -9.74 -11.36
N LEU A 96 -8.87 -10.31 -12.54
CA LEU A 96 -8.37 -9.74 -13.76
C LEU A 96 -8.75 -8.25 -13.82
N PHE A 97 -10.02 -7.97 -13.60
CA PHE A 97 -10.55 -6.63 -13.82
C PHE A 97 -10.02 -5.66 -12.76
N SER A 98 -9.98 -6.09 -11.51
CA SER A 98 -9.59 -5.16 -10.46
C SER A 98 -8.07 -5.00 -10.37
N ASN A 99 -7.33 -5.69 -11.24
CA ASN A 99 -5.91 -5.43 -11.40
C ASN A 99 -5.68 -4.27 -12.36
N ILE A 100 -6.76 -3.72 -12.90
CA ILE A 100 -6.65 -2.51 -13.70
C ILE A 100 -6.63 -1.35 -12.72
N TRP A 101 -5.61 -0.49 -12.79
CA TRP A 101 -5.53 0.64 -11.89
C TRP A 101 -6.77 1.51 -12.06
N GLY A 102 -7.43 1.83 -10.95
CA GLY A 102 -8.62 2.68 -10.97
C GLY A 102 -9.90 1.87 -10.94
N ALA A 103 -9.78 0.55 -11.10
CA ALA A 103 -10.97 -0.29 -11.00
C ALA A 103 -10.84 -1.19 -9.78
N GLY A 104 -11.84 -1.14 -8.91
CA GLY A 104 -11.86 -2.00 -7.75
C GLY A 104 -13.00 -3.01 -7.78
N THR A 105 -13.34 -3.51 -6.60
CA THR A 105 -14.40 -4.48 -6.42
C THR A 105 -15.72 -4.09 -7.08
N LYS A 106 -16.21 -2.87 -6.82
CA LYS A 106 -17.50 -2.45 -7.38
C LYS A 106 -17.50 -2.40 -8.88
N THR A 107 -16.46 -1.81 -9.46
CA THR A 107 -16.39 -1.69 -10.90
C THR A 107 -16.22 -3.07 -11.54
N ALA A 108 -15.39 -3.93 -10.93
CA ALA A 108 -15.19 -5.28 -11.47
C ALA A 108 -16.47 -6.08 -11.48
N GLN A 109 -17.20 -6.04 -10.38
CA GLN A 109 -18.47 -6.77 -10.26
C GLN A 109 -19.55 -6.25 -11.19
N MET A 110 -19.54 -4.95 -11.43
CA MET A 110 -20.47 -4.33 -12.37
C MET A 110 -20.18 -4.84 -13.77
N TRP A 111 -18.93 -4.72 -14.17
CA TRP A 111 -18.45 -5.24 -15.46
C TRP A 111 -18.80 -6.71 -15.63
N TYR A 112 -18.58 -7.51 -14.61
CA TYR A 112 -18.98 -8.92 -14.69
C TYR A 112 -20.48 -9.08 -14.96
N GLN A 113 -21.30 -8.49 -14.11
CA GLN A 113 -22.75 -8.50 -14.27
C GLN A 113 -23.13 -8.12 -15.70
N GLN A 114 -22.42 -7.16 -16.30
CA GLN A 114 -22.76 -6.67 -17.63
C GLN A 114 -22.21 -7.58 -18.74
N GLY A 115 -21.58 -8.68 -18.35
CA GLY A 115 -21.15 -9.66 -19.35
C GLY A 115 -19.70 -9.62 -19.79
N PHE A 116 -18.92 -8.65 -19.32
CA PHE A 116 -17.50 -8.60 -19.68
C PHE A 116 -16.78 -9.76 -19.02
N ARG A 117 -16.13 -10.61 -19.82
CA ARG A 117 -15.24 -11.67 -19.31
C ARG A 117 -13.71 -11.54 -19.52
N SER A 118 -13.24 -10.50 -20.20
CA SER A 118 -11.82 -10.43 -20.55
C SER A 118 -11.40 -9.00 -20.83
N LEU A 119 -10.10 -8.76 -20.90
CA LEU A 119 -9.60 -7.41 -21.10
C LEU A 119 -9.90 -6.92 -22.51
N GLU A 120 -10.12 -7.85 -23.42
CA GLU A 120 -10.54 -7.48 -24.76
C GLU A 120 -11.97 -6.92 -24.73
N ASP A 121 -12.86 -7.57 -24.00
CA ASP A 121 -14.18 -7.00 -23.69
C ASP A 121 -14.11 -5.59 -23.09
N ILE A 122 -13.27 -5.41 -22.09
CA ILE A 122 -13.13 -4.10 -21.46
C ILE A 122 -12.63 -3.10 -22.49
N ARG A 123 -11.59 -3.48 -23.22
CA ARG A 123 -10.96 -2.58 -24.17
C ARG A 123 -11.98 -2.06 -25.19
N SER A 124 -12.72 -2.98 -25.77
CA SER A 124 -13.63 -2.67 -26.87
C SER A 124 -15.00 -2.15 -26.44
N GLN A 125 -15.60 -2.78 -25.41
CA GLN A 125 -16.95 -2.42 -24.97
C GLN A 125 -17.15 -1.62 -23.67
N ALA A 126 -16.11 -1.36 -22.89
CA ALA A 126 -16.33 -0.75 -21.58
C ALA A 126 -16.08 0.76 -21.61
N SER A 127 -16.87 1.52 -20.86
CA SER A 127 -16.57 2.94 -20.77
C SER A 127 -15.68 3.17 -19.55
N LEU A 128 -14.44 3.57 -19.83
CA LEU A 128 -13.41 3.67 -18.81
C LEU A 128 -13.26 5.11 -18.36
N THR A 129 -12.90 5.33 -17.10
CA THR A 129 -12.53 6.67 -16.69
C THR A 129 -11.16 6.93 -17.28
N THR A 130 -10.67 8.14 -17.14
CA THR A 130 -9.33 8.47 -17.63
C THR A 130 -8.31 7.61 -16.89
N GLN A 131 -8.50 7.44 -15.59
CA GLN A 131 -7.55 6.63 -14.81
C GLN A 131 -7.54 5.17 -15.28
N GLN A 132 -8.71 4.58 -15.47
CA GLN A 132 -8.82 3.19 -15.90
C GLN A 132 -8.23 2.95 -17.28
N ALA A 133 -8.38 3.92 -18.20
CA ALA A 133 -7.78 3.77 -19.53
C ALA A 133 -6.25 3.78 -19.45
N ILE A 134 -5.69 4.67 -18.65
CA ILE A 134 -4.24 4.63 -18.39
C ILE A 134 -3.84 3.31 -17.74
N GLY A 135 -4.67 2.84 -16.81
CA GLY A 135 -4.37 1.60 -16.11
C GLY A 135 -4.36 0.40 -17.04
N LEU A 136 -5.28 0.38 -17.98
CA LEU A 136 -5.39 -0.75 -18.90
C LEU A 136 -4.22 -0.74 -19.89
N LYS A 137 -3.86 0.46 -20.34
CA LYS A 137 -2.74 0.63 -21.25
C LYS A 137 -1.46 0.04 -20.72
N HIS A 138 -1.27 0.19 -19.41
CA HIS A 138 -0.13 -0.31 -18.65
C HIS A 138 -0.40 -1.58 -17.85
N TYR A 139 -1.47 -2.29 -18.17
CA TYR A 139 -1.85 -3.43 -17.34
C TYR A 139 -0.68 -4.34 -16.96
N SER A 140 0.11 -4.77 -17.92
CA SER A 140 1.24 -5.66 -17.63
C SER A 140 2.35 -4.97 -16.85
N ASP A 141 2.69 -3.75 -17.22
CA ASP A 141 3.77 -3.07 -16.53
C ASP A 141 3.45 -2.82 -15.05
N PHE A 142 2.18 -2.55 -14.76
CA PHE A 142 1.77 -2.28 -13.38
C PHE A 142 1.77 -3.52 -12.51
N LEU A 143 1.75 -4.69 -13.13
CA LEU A 143 1.80 -5.94 -12.39
C LEU A 143 3.25 -6.35 -12.09
N GLU A 144 4.20 -5.55 -12.56
CA GLU A 144 5.60 -5.93 -12.51
C GLU A 144 6.38 -5.11 -11.49
N ARG A 145 7.40 -5.73 -10.92
CA ARG A 145 8.23 -5.12 -9.90
C ARG A 145 9.53 -4.73 -10.56
N MET A 146 10.19 -3.70 -10.04
CA MET A 146 11.44 -3.26 -10.62
C MET A 146 12.58 -3.61 -9.67
N PRO A 147 13.80 -3.81 -10.21
CA PRO A 147 14.89 -4.09 -9.27
C PRO A 147 15.13 -2.85 -8.46
N ARG A 148 15.58 -2.99 -7.22
CA ARG A 148 15.66 -1.82 -6.36
C ARG A 148 16.63 -0.79 -6.93
N GLU A 149 17.59 -1.27 -7.70
CA GLU A 149 18.51 -0.39 -8.39
C GLU A 149 17.82 0.53 -9.37
N GLU A 150 16.73 0.07 -9.99
CA GLU A 150 16.00 0.95 -10.90
C GLU A 150 15.27 2.05 -10.11
N ALA A 151 14.71 1.68 -8.97
CA ALA A 151 14.10 2.66 -8.07
C ALA A 151 15.07 3.81 -7.80
N THR A 152 16.33 3.44 -7.55
CA THR A 152 17.37 4.42 -7.30
C THR A 152 17.46 5.45 -8.42
N GLU A 153 17.58 4.97 -9.65
CA GLU A 153 17.64 5.86 -10.82
C GLU A 153 16.42 6.79 -10.93
N ILE A 154 15.27 6.32 -10.46
CA ILE A 154 14.05 7.12 -10.52
C ILE A 154 14.01 8.19 -9.43
N GLU A 155 14.28 7.79 -8.19
CA GLU A 155 14.39 8.74 -7.10
C GLU A 155 15.36 9.85 -7.49
N GLN A 156 16.49 9.47 -8.08
CA GLN A 156 17.53 10.43 -8.45
C GLN A 156 17.07 11.38 -9.53
N THR A 157 16.41 10.84 -10.54
CA THR A 157 15.86 11.64 -11.63
C THR A 157 14.87 12.70 -11.10
N VAL A 158 14.06 12.29 -10.15
CA VAL A 158 13.10 13.19 -9.52
C VAL A 158 13.84 14.21 -8.67
N GLN A 159 14.72 13.72 -7.83
CA GLN A 159 15.51 14.57 -6.94
C GLN A 159 16.32 15.60 -7.72
N LYS A 160 17.08 15.12 -8.69
CA LYS A 160 17.89 15.99 -9.52
C LYS A 160 17.02 17.13 -10.07
N ALA A 161 15.81 16.82 -10.50
CA ALA A 161 14.94 17.80 -11.13
C ALA A 161 14.36 18.79 -10.12
N ALA A 162 14.03 18.29 -8.93
CA ALA A 162 13.51 19.15 -7.87
C ALA A 162 14.58 20.14 -7.46
N GLN A 163 15.75 19.60 -7.14
CA GLN A 163 16.87 20.40 -6.65
C GLN A 163 17.38 21.39 -7.70
N ALA A 164 16.84 21.31 -8.91
CA ALA A 164 17.12 22.27 -9.97
C ALA A 164 16.22 23.51 -9.88
N PHE A 165 15.18 23.44 -9.05
CA PHE A 165 14.40 24.62 -8.75
C PHE A 165 14.95 25.25 -7.49
N ASN A 166 14.84 24.52 -6.38
CA ASN A 166 15.40 24.97 -5.10
C ASN A 166 16.33 23.91 -4.54
N SER A 167 17.63 24.21 -4.51
CA SER A 167 18.64 23.20 -4.17
C SER A 167 18.56 22.74 -2.70
N GLY A 168 17.78 23.46 -1.88
CA GLY A 168 17.62 23.12 -0.48
C GLY A 168 16.57 22.05 -0.25
N LEU A 169 15.84 21.69 -1.30
CA LEU A 169 14.81 20.66 -1.19
C LEU A 169 15.40 19.32 -0.81
N LEU A 170 14.73 18.61 0.09
CA LEU A 170 15.15 17.27 0.46
C LEU A 170 14.21 16.24 -0.15
N CYS A 171 14.76 15.27 -0.88
CA CYS A 171 13.97 14.19 -1.46
C CYS A 171 14.36 12.85 -0.89
N VAL A 172 13.39 12.12 -0.36
CA VAL A 172 13.66 10.78 0.20
C VAL A 172 12.80 9.70 -0.45
N ALA A 173 13.44 8.64 -0.95
CA ALA A 173 12.70 7.49 -1.44
C ALA A 173 12.26 6.62 -0.26
N CYS A 174 11.01 6.19 -0.30
CA CYS A 174 10.30 5.62 0.86
C CYS A 174 9.74 4.26 0.49
N GLY A 175 8.69 3.82 1.18
CA GLY A 175 8.04 2.58 0.82
C GLY A 175 9.00 1.39 0.88
N SER A 176 8.78 0.38 0.04
CA SER A 176 9.55 -0.85 0.07
C SER A 176 11.04 -0.56 -0.13
N TYR A 177 11.34 0.50 -0.86
CA TYR A 177 12.72 0.88 -1.12
C TYR A 177 13.45 1.21 0.17
N ARG A 178 12.84 2.07 0.97
CA ARG A 178 13.45 2.49 2.21
C ARG A 178 13.49 1.34 3.21
N ARG A 179 12.60 0.36 3.05
CA ARG A 179 12.56 -0.78 3.96
C ARG A 179 13.61 -1.86 3.56
N GLY A 180 14.33 -1.58 2.48
CA GLY A 180 15.49 -2.36 2.10
C GLY A 180 15.16 -3.53 1.20
N LYS A 181 14.03 -3.48 0.50
CA LYS A 181 13.63 -4.61 -0.31
C LYS A 181 14.38 -4.63 -1.63
N ALA A 182 14.64 -5.83 -2.15
CA ALA A 182 15.41 -5.96 -3.40
C ALA A 182 14.64 -5.51 -4.63
N THR A 183 13.30 -5.61 -4.57
CA THR A 183 12.45 -5.10 -5.66
C THR A 183 11.37 -4.17 -5.11
N CYS A 184 10.83 -3.34 -6.01
CA CYS A 184 9.85 -2.34 -5.60
C CYS A 184 8.72 -2.33 -6.63
N GLY A 185 7.48 -2.33 -6.15
CA GLY A 185 6.33 -2.20 -7.01
C GLY A 185 6.23 -0.82 -7.65
N ASP A 186 6.61 0.21 -6.90
CA ASP A 186 6.67 1.56 -7.42
C ASP A 186 7.77 2.34 -6.70
N VAL A 187 7.92 3.60 -7.06
CA VAL A 187 8.81 4.50 -6.33
C VAL A 187 7.96 5.53 -5.60
N ASP A 188 8.24 5.72 -4.31
CA ASP A 188 7.52 6.68 -3.47
C ASP A 188 8.51 7.77 -3.05
N VAL A 189 8.37 8.97 -3.59
CA VAL A 189 9.32 10.04 -3.30
C VAL A 189 8.73 11.08 -2.37
N LEU A 190 9.35 11.28 -1.22
CA LEU A 190 8.87 12.29 -0.25
C LEU A 190 9.69 13.57 -0.40
N ILE A 191 9.03 14.69 -0.63
CA ILE A 191 9.73 15.97 -0.77
C ILE A 191 9.34 16.94 0.33
N THR A 192 10.34 17.57 0.94
CA THR A 192 10.07 18.59 1.96
C THR A 192 11.14 19.68 1.89
N HIS A 193 10.96 20.72 2.71
CA HIS A 193 11.98 21.75 2.85
C HIS A 193 12.13 22.18 4.30
N PRO A 194 13.38 22.39 4.73
CA PRO A 194 13.69 22.67 6.15
C PRO A 194 13.10 23.99 6.66
N ASP A 195 12.75 24.90 5.76
CA ASP A 195 12.15 26.17 6.18
C ASP A 195 10.66 26.00 6.48
N GLY A 196 10.04 24.96 5.93
CA GLY A 196 8.64 24.70 6.16
C GLY A 196 7.73 25.60 5.35
N ARG A 197 8.33 26.61 4.71
CA ARG A 197 7.59 27.54 3.85
C ARG A 197 7.70 27.28 2.34
N SER A 198 8.48 26.30 1.91
CA SER A 198 8.68 26.10 0.45
C SER A 198 7.85 24.95 -0.12
N HIS A 199 6.74 25.29 -0.78
CA HIS A 199 5.83 24.28 -1.30
C HIS A 199 5.01 24.78 -2.48
N ARG A 200 4.63 23.84 -3.35
CA ARG A 200 3.48 23.96 -4.24
C ARG A 200 3.68 24.88 -5.44
N GLY A 201 4.65 25.77 -5.37
CA GLY A 201 5.05 26.53 -6.55
C GLY A 201 6.01 25.60 -7.24
N ILE A 202 6.73 24.87 -6.39
CA ILE A 202 7.69 23.88 -6.83
C ILE A 202 6.91 22.71 -7.40
N PHE A 203 6.17 22.02 -6.53
CA PHE A 203 5.51 20.74 -6.86
C PHE A 203 4.84 20.83 -8.23
N SER A 204 4.26 21.97 -8.55
CA SER A 204 3.66 22.14 -9.87
C SER A 204 4.70 22.13 -10.99
N ARG A 205 5.67 23.04 -10.91
CA ARG A 205 6.64 23.23 -11.99
C ARG A 205 7.57 22.02 -12.12
N LEU A 206 7.80 21.35 -11.00
CA LEU A 206 8.57 20.11 -10.96
C LEU A 206 7.97 19.08 -11.91
N LEU A 207 6.69 18.78 -11.72
CA LEU A 207 5.99 17.85 -12.61
C LEU A 207 6.05 18.30 -14.05
N ASP A 208 6.07 19.63 -14.25
CA ASP A 208 6.04 20.17 -15.60
C ASP A 208 7.31 19.85 -16.36
N SER A 209 8.45 20.01 -15.70
CA SER A 209 9.72 19.72 -16.34
C SER A 209 9.90 18.22 -16.53
N LEU A 210 9.57 17.43 -15.52
CA LEU A 210 9.63 15.97 -15.60
C LEU A 210 8.74 15.45 -16.74
N ARG A 211 7.64 16.14 -16.98
CA ARG A 211 6.73 15.78 -18.06
C ARG A 211 7.32 16.24 -19.39
N GLN A 212 8.03 17.37 -19.33
CA GLN A 212 8.67 17.94 -20.52
C GLN A 212 9.96 17.21 -20.90
N GLU A 213 10.62 16.60 -19.93
CA GLU A 213 11.81 15.80 -20.20
C GLU A 213 11.42 14.48 -20.86
N GLY A 214 10.12 14.22 -20.92
CA GLY A 214 9.62 12.96 -21.45
C GLY A 214 9.64 11.85 -20.41
N PHE A 215 10.10 12.16 -19.21
CA PHE A 215 10.20 11.18 -18.12
C PHE A 215 8.83 10.73 -17.58
N LEU A 216 7.88 11.65 -17.47
CA LEU A 216 6.52 11.30 -17.03
C LEU A 216 5.66 10.99 -18.24
N THR A 217 5.20 9.74 -18.32
CA THR A 217 4.36 9.33 -19.43
C THR A 217 2.86 9.62 -19.27
N ASP A 218 2.36 9.52 -18.03
CA ASP A 218 0.93 9.72 -17.77
C ASP A 218 0.67 10.20 -16.34
N ASP A 219 -0.43 10.92 -16.17
CA ASP A 219 -0.86 11.37 -14.84
C ASP A 219 -2.09 10.57 -14.40
N LEU A 220 -2.06 10.13 -13.14
CA LEU A 220 -3.16 9.37 -12.56
C LEU A 220 -3.88 10.25 -11.52
N VAL A 221 -3.10 10.75 -10.57
CA VAL A 221 -3.61 11.66 -9.55
C VAL A 221 -2.75 12.91 -9.46
N LYS A 222 -3.37 14.08 -9.60
CA LYS A 222 -2.70 15.34 -9.28
C LYS A 222 -3.47 16.11 -8.20
N GLY A 223 -2.93 16.14 -6.99
CA GLY A 223 -3.53 16.92 -5.92
C GLY A 223 -2.56 18.02 -5.57
N GLU A 224 -2.87 18.79 -4.54
CA GLU A 224 -1.99 19.90 -4.18
C GLU A 224 -0.70 19.42 -3.55
N THR A 225 -0.80 18.50 -2.60
CA THR A 225 0.41 17.89 -2.02
C THR A 225 0.76 16.45 -2.47
N LYS A 226 -0.02 15.87 -3.37
CA LYS A 226 0.22 14.48 -3.70
C LYS A 226 0.06 14.21 -5.18
N TYR A 227 1.00 13.44 -5.73
CA TYR A 227 0.98 13.09 -7.15
C TYR A 227 1.22 11.61 -7.36
N LEU A 228 0.44 11.02 -8.27
CA LEU A 228 0.73 9.68 -8.77
C LEU A 228 0.67 9.68 -10.29
N GLY A 229 1.64 9.03 -10.91
CA GLY A 229 1.79 9.02 -12.35
C GLY A 229 2.65 7.85 -12.82
N VAL A 230 3.05 7.92 -14.07
CA VAL A 230 3.76 6.85 -14.73
C VAL A 230 5.00 7.48 -15.33
N CYS A 231 6.15 6.88 -15.08
CA CYS A 231 7.38 7.34 -15.70
C CYS A 231 8.06 6.17 -16.42
N ARG A 232 8.98 6.49 -17.33
CA ARG A 232 9.84 5.49 -17.91
C ARG A 232 11.23 6.10 -18.08
N LEU A 233 12.24 5.42 -17.54
CA LEU A 233 13.62 5.84 -17.72
C LEU A 233 13.93 5.77 -19.20
N PRO A 234 14.94 6.53 -19.65
CA PRO A 234 15.34 6.55 -21.06
C PRO A 234 16.11 5.28 -21.46
N GLY A 235 16.01 4.90 -22.72
CA GLY A 235 16.78 3.77 -23.24
C GLY A 235 15.98 2.52 -23.52
N PRO A 236 16.60 1.56 -24.22
CA PRO A 236 15.94 0.28 -24.55
C PRO A 236 15.75 -0.55 -23.28
N GLY A 237 14.77 -1.46 -23.31
CA GLY A 237 14.59 -2.40 -22.22
C GLY A 237 13.95 -1.79 -20.98
N ARG A 238 13.43 -0.58 -21.12
CA ARG A 238 12.81 0.13 -20.00
C ARG A 238 11.30 -0.09 -19.96
N ARG A 239 10.76 -0.24 -18.76
CA ARG A 239 9.33 -0.44 -18.61
C ARG A 239 8.75 0.81 -17.96
N HIS A 240 7.47 1.04 -18.16
CA HIS A 240 6.77 2.14 -17.47
C HIS A 240 6.62 1.76 -16.03
N ARG A 241 6.89 2.71 -15.13
CA ARG A 241 6.81 2.48 -13.69
C ARG A 241 5.89 3.48 -13.00
N ARG A 242 5.25 3.04 -11.93
CA ARG A 242 4.44 3.90 -11.10
C ARG A 242 5.32 4.73 -10.19
N LEU A 243 5.00 6.01 -10.11
CA LEU A 243 5.76 6.95 -9.31
C LEU A 243 4.79 7.77 -8.46
N ASP A 244 4.92 7.67 -7.14
CA ASP A 244 4.15 8.46 -6.17
C ASP A 244 5.02 9.54 -5.54
N ILE A 245 4.57 10.79 -5.61
CA ILE A 245 5.30 11.90 -5.00
C ILE A 245 4.40 12.71 -4.06
N ILE A 246 4.89 12.98 -2.85
CA ILE A 246 4.17 13.85 -1.93
C ILE A 246 5.08 14.95 -1.39
N VAL A 247 4.52 16.16 -1.29
CA VAL A 247 5.21 17.29 -0.66
C VAL A 247 4.63 17.61 0.71
N VAL A 248 5.50 17.79 1.71
CA VAL A 248 5.05 18.10 3.04
C VAL A 248 5.81 19.27 3.61
N PRO A 249 5.19 19.98 4.56
CA PRO A 249 5.90 20.99 5.34
C PRO A 249 6.84 20.31 6.34
N TYR A 250 8.01 20.88 6.53
CA TYR A 250 9.03 20.28 7.38
C TYR A 250 8.46 19.87 8.74
N SER A 251 7.44 20.58 9.21
CA SER A 251 6.82 20.28 10.50
C SER A 251 6.31 18.85 10.57
N GLU A 252 5.83 18.34 9.44
CA GLU A 252 5.22 17.02 9.39
C GLU A 252 6.18 15.98 8.83
N PHE A 253 7.42 16.40 8.58
CA PHE A 253 8.41 15.54 7.95
C PHE A 253 8.49 14.13 8.54
N ALA A 254 8.51 14.02 9.86
CA ALA A 254 8.70 12.72 10.48
C ALA A 254 7.48 11.81 10.33
N CYS A 255 6.28 12.37 10.48
CA CYS A 255 5.05 11.58 10.42
C CYS A 255 4.79 11.16 8.98
N ALA A 256 5.14 12.05 8.06
CA ALA A 256 5.11 11.77 6.62
C ALA A 256 6.06 10.61 6.27
N LEU A 257 7.29 10.72 6.76
CA LEU A 257 8.33 9.72 6.51
C LEU A 257 7.91 8.36 7.04
N LEU A 258 7.37 8.36 8.25
CA LEU A 258 6.89 7.13 8.85
C LEU A 258 5.77 6.52 8.01
N TYR A 259 4.77 7.33 7.66
CA TYR A 259 3.66 6.85 6.84
C TYR A 259 4.11 6.29 5.49
N PHE A 260 4.86 7.08 4.74
CA PHE A 260 5.24 6.76 3.38
C PHE A 260 6.18 5.55 3.31
N THR A 261 6.85 5.25 4.42
CA THR A 261 7.76 4.11 4.50
C THR A 261 7.02 2.79 4.80
N GLY A 262 5.93 2.88 5.58
CA GLY A 262 5.12 1.70 5.87
C GLY A 262 5.88 0.65 6.69
N SER A 263 5.56 -0.64 6.52
CA SER A 263 4.63 -1.15 5.50
C SER A 263 3.21 -0.68 5.80
N ALA A 264 2.27 -1.07 4.96
CA ALA A 264 0.89 -0.67 5.20
C ALA A 264 0.28 -1.38 6.42
N HIS A 265 0.62 -2.65 6.60
CA HIS A 265 0.10 -3.41 7.75
C HIS A 265 0.68 -2.82 9.04
N PHE A 266 1.90 -2.32 8.92
CA PHE A 266 2.61 -1.70 10.03
C PHE A 266 1.94 -0.38 10.40
N ASN A 267 1.68 0.46 9.41
CA ASN A 267 0.93 1.70 9.67
C ASN A 267 -0.38 1.43 10.39
N ARG A 268 -1.13 0.45 9.90
CA ARG A 268 -2.43 0.14 10.50
C ARG A 268 -2.30 -0.38 11.93
N SER A 269 -1.28 -1.19 12.20
CA SER A 269 -1.01 -1.67 13.56
C SER A 269 -0.69 -0.50 14.50
N MET A 270 0.24 0.33 14.06
CA MET A 270 0.66 1.52 14.78
C MET A 270 -0.53 2.42 15.09
N ARG A 271 -1.28 2.77 14.05
CA ARG A 271 -2.43 3.65 14.21
C ARG A 271 -3.47 3.05 15.14
N ALA A 272 -3.67 1.74 15.06
CA ALA A 272 -4.66 1.06 15.90
C ALA A 272 -4.24 1.06 17.37
N LEU A 273 -2.93 0.93 17.62
CA LEU A 273 -2.38 1.05 18.97
C LEU A 273 -2.58 2.46 19.47
N ALA A 274 -2.18 3.44 18.66
CA ALA A 274 -2.35 4.83 19.05
C ALA A 274 -3.79 5.09 19.48
N LYS A 275 -4.74 4.42 18.82
CA LYS A 275 -6.15 4.62 19.15
C LYS A 275 -6.51 4.12 20.54
N THR A 276 -5.87 3.04 20.98
CA THR A 276 -6.13 2.49 22.32
C THR A 276 -5.61 3.43 23.42
N LYS A 277 -4.63 4.25 23.06
CA LYS A 277 -3.98 5.19 23.97
C LYS A 277 -4.62 6.58 23.94
N GLY A 278 -5.74 6.71 23.24
CA GLY A 278 -6.47 7.97 23.15
C GLY A 278 -5.79 8.94 22.20
N MET A 279 -4.99 8.39 21.29
CA MET A 279 -4.19 9.18 20.37
C MET A 279 -4.58 8.83 18.93
N SER A 280 -4.16 9.66 17.98
CA SER A 280 -4.41 9.38 16.57
C SER A 280 -3.12 9.64 15.81
N LEU A 281 -2.78 8.74 14.90
CA LEU A 281 -1.62 8.92 14.05
C LEU A 281 -2.01 8.96 12.58
N SER A 282 -1.42 9.88 11.84
CA SER A 282 -1.64 10.00 10.42
C SER A 282 -0.35 10.53 9.83
N GLU A 283 -0.36 10.69 8.51
CA GLU A 283 0.78 11.23 7.79
C GLU A 283 1.09 12.66 8.18
N HIS A 284 0.11 13.37 8.75
CA HIS A 284 0.31 14.74 9.18
C HIS A 284 0.92 14.87 10.57
N ALA A 285 0.39 14.08 11.50
CA ALA A 285 0.75 14.26 12.90
C ALA A 285 0.41 13.07 13.77
N LEU A 286 1.06 13.01 14.93
CA LEU A 286 0.58 12.20 16.03
C LEU A 286 -0.01 13.22 16.98
N SER A 287 -1.27 13.04 17.35
CA SER A 287 -1.92 13.94 18.26
C SER A 287 -2.53 13.14 19.39
N THR A 288 -2.76 13.80 20.52
CA THR A 288 -3.26 13.14 21.71
C THR A 288 -4.54 13.82 22.18
N ALA A 289 -5.14 13.30 23.23
CA ALA A 289 -6.39 13.82 23.76
C ALA A 289 -7.45 13.87 22.66
N VAL A 290 -7.37 12.91 21.75
CA VAL A 290 -8.33 12.80 20.65
C VAL A 290 -9.67 12.31 21.17
N VAL A 291 -10.73 13.04 20.82
CA VAL A 291 -12.08 12.71 21.28
C VAL A 291 -12.81 11.86 20.23
N ARG A 292 -13.20 10.66 20.62
CA ARG A 292 -13.90 9.79 19.70
C ARG A 292 -15.25 9.34 20.20
N ASN A 293 -16.22 9.35 19.29
CA ASN A 293 -17.57 8.90 19.60
C ASN A 293 -17.56 7.39 19.80
N THR A 294 -18.74 6.81 20.04
CA THR A 294 -18.82 5.42 20.45
C THR A 294 -18.42 4.45 19.35
N HIS A 295 -18.51 4.90 18.11
CA HIS A 295 -18.18 4.06 16.96
C HIS A 295 -16.70 4.15 16.58
N GLY A 296 -15.90 4.83 17.40
CA GLY A 296 -14.47 4.93 17.19
C GLY A 296 -14.09 6.10 16.29
N ALA A 297 -15.10 6.68 15.64
CA ALA A 297 -14.93 7.87 14.79
C ALA A 297 -14.44 9.09 15.57
N LYS A 298 -13.47 9.79 15.01
CA LYS A 298 -12.87 10.97 15.64
C LYS A 298 -13.76 12.21 15.61
N VAL A 299 -13.97 12.79 16.79
CA VAL A 299 -14.84 13.96 16.91
C VAL A 299 -14.05 15.23 17.30
N GLY A 300 -13.54 15.28 18.53
CA GLY A 300 -12.54 16.27 18.91
C GLY A 300 -11.20 15.88 18.32
N PRO A 301 -10.47 16.84 17.74
CA PRO A 301 -9.15 16.61 17.11
C PRO A 301 -8.00 16.32 18.08
N GLY A 302 -8.18 16.60 19.36
CA GLY A 302 -7.07 16.52 20.29
C GLY A 302 -6.03 17.54 19.85
N ARG A 303 -4.82 17.41 20.38
CA ARG A 303 -3.74 18.34 20.04
C ARG A 303 -2.53 17.62 19.46
N VAL A 304 -1.83 18.30 18.57
CA VAL A 304 -0.63 17.73 17.93
C VAL A 304 0.55 17.63 18.90
N LEU A 305 1.14 16.45 18.97
CA LEU A 305 2.33 16.22 19.78
C LEU A 305 3.57 16.49 18.95
N PRO A 306 4.59 17.13 19.53
CA PRO A 306 5.80 17.42 18.75
C PRO A 306 6.49 16.14 18.29
N THR A 307 6.77 16.00 17.00
CA THR A 307 7.48 14.81 16.53
C THR A 307 8.48 15.11 15.41
N PRO A 308 9.69 15.55 15.78
CA PRO A 308 10.76 15.92 14.84
C PRO A 308 11.49 14.73 14.19
N THR A 309 11.35 13.53 14.76
CA THR A 309 11.97 12.33 14.20
C THR A 309 11.06 11.13 14.42
N GLU A 310 11.28 10.09 13.62
CA GLU A 310 10.53 8.86 13.74
C GLU A 310 10.64 8.30 15.15
N LYS A 311 11.82 8.42 15.75
CA LYS A 311 12.03 7.93 17.11
C LYS A 311 10.94 8.47 18.03
N ASP A 312 10.72 9.78 17.96
CA ASP A 312 9.75 10.43 18.82
C ASP A 312 8.37 9.80 18.70
N VAL A 313 7.99 9.37 17.50
CA VAL A 313 6.66 8.80 17.33
C VAL A 313 6.52 7.49 18.09
N PHE A 314 7.49 6.60 17.93
CA PHE A 314 7.50 5.34 18.65
C PHE A 314 7.49 5.62 20.15
N ARG A 315 8.36 6.53 20.57
CA ARG A 315 8.51 6.79 22.00
C ARG A 315 7.18 7.21 22.61
N LEU A 316 6.59 8.24 22.03
CA LEU A 316 5.34 8.80 22.53
C LEU A 316 4.24 7.76 22.58
N LEU A 317 4.39 6.69 21.81
CA LEU A 317 3.42 5.60 21.82
C LEU A 317 3.80 4.53 22.85
N GLY A 318 5.00 4.63 23.41
CA GLY A 318 5.50 3.63 24.33
C GLY A 318 6.09 2.43 23.61
N LEU A 319 6.65 2.66 22.43
CA LEU A 319 7.21 1.59 21.63
C LEU A 319 8.72 1.75 21.40
N PRO A 320 9.43 0.62 21.24
CA PRO A 320 10.84 0.62 20.88
C PRO A 320 11.00 1.00 19.42
N TYR A 321 12.04 1.78 19.11
CA TYR A 321 12.28 2.18 17.73
C TYR A 321 12.53 0.97 16.82
N ARG A 322 11.89 0.97 15.65
CA ARG A 322 12.16 0.00 14.59
C ARG A 322 12.82 0.70 13.41
N GLU A 323 13.83 0.16 12.82
CA GLU A 323 14.36 0.90 11.69
C GLU A 323 13.47 0.34 10.52
N PRO A 324 13.55 1.03 9.43
CA PRO A 324 12.58 0.70 8.39
C PRO A 324 12.55 -0.81 8.07
N ALA A 325 13.70 -1.49 8.03
CA ALA A 325 13.71 -2.90 7.65
C ALA A 325 12.84 -3.77 8.55
N GLU A 326 12.69 -3.34 9.80
CA GLU A 326 11.92 -4.11 10.77
C GLU A 326 10.44 -3.72 10.73
N ARG A 327 10.06 -2.90 9.75
CA ARG A 327 8.70 -2.45 9.52
C ARG A 327 8.00 -3.25 8.42
N ASP A 328 8.62 -4.31 7.93
CA ASP A 328 8.04 -4.89 6.73
C ASP A 328 7.15 -6.02 7.20
N TRP A 329 5.91 -5.67 7.54
CA TRP A 329 4.97 -6.64 8.10
C TRP A 329 4.01 -7.11 7.02
O11 PPV E . 5.10 -0.76 0.92
O11 PPV E . 6.40 -4.74 -0.95
P1 PPV E . 5.02 -0.65 -0.57
P1 PPV E . 5.26 -3.76 -0.73
O21 PPV E . 5.91 0.52 -0.99
O21 PPV E . 5.01 -3.69 0.76
O31 PPV E . 3.59 -0.45 -0.98
O31 PPV E . 4.04 -4.25 -1.50
OPP PPV E . 5.56 -1.95 -1.30
OPP PPV E . 5.62 -2.33 -1.25
P2 PPV E . 5.57 -1.98 -2.86
P2 PPV E . 5.50 -2.03 -2.79
O12 PPV E . 4.67 -3.08 -3.37
O12 PPV E . 4.66 -3.10 -3.46
O22 PPV E . 7.00 -2.22 -3.34
O22 PPV E . 6.89 -2.02 -3.40
O32 PPV E . 5.10 -0.64 -3.39
O32 PPV E . 4.86 -0.68 -2.99
MG MG F . 5.85 1.60 -2.78
NA NA G . -7.47 -1.74 -9.48
#